data_7UO3
#
_entry.id   7UO3
#
_cell.length_a   60.140
_cell.length_b   60.140
_cell.length_c   105.699
_cell.angle_alpha   90.000
_cell.angle_beta   90.000
_cell.angle_gamma   90.000
#
_symmetry.space_group_name_H-M   'P 41 21 2'
#
loop_
_entity.id
_entity.type
_entity.pdbx_description
1 polymer Tlde1a
2 polymer HIS-HIS-HIS-HIS
3 non-polymer D-ALANINE
4 non-polymer 'SULFATE ION'
5 water water
#
loop_
_entity_poly.entity_id
_entity_poly.type
_entity_poly.pdbx_seq_one_letter_code
_entity_poly.pdbx_strand_id
1 'polypeptide(L)'
;MMAVRLTFDGQKLTWPGIGIFKATTGLPDLQWPDKQCVPDAAIPEGNYKLFIQFQGEAPIRNAADCDLGPSWGWSTIPRG
QAAGTCEIYWANWGYNRIRLESADEKTRKACGGKRGGFYIHDSTKGYSHG(CME)IEVEPVFFRILKQETEKENGEKTFT
VNVKYVSGQQTNGGTKQG
;
A
2 'polypeptide(L)' EHHHHHH B
#
loop_
_chem_comp.id
_chem_comp.type
_chem_comp.name
_chem_comp.formula
SO4 non-polymer 'SULFATE ION' 'O4 S -2'
#
# COMPACT_ATOMS: atom_id res chain seq x y z
N MET A 1 0.12 12.29 19.44
CA MET A 1 -0.77 11.11 19.61
C MET A 1 -2.01 11.27 18.73
N MET A 2 -2.24 12.49 18.24
CA MET A 2 -3.45 12.77 17.47
C MET A 2 -3.56 11.83 16.27
N ALA A 3 -4.79 11.44 15.96
CA ALA A 3 -5.04 10.57 14.83
C ALA A 3 -4.65 11.26 13.53
N VAL A 4 -4.23 10.46 12.55
CA VAL A 4 -3.80 10.94 11.25
C VAL A 4 -4.73 10.29 10.24
N ARG A 5 -5.38 11.10 9.40
CA ARG A 5 -6.23 10.67 8.29
C ARG A 5 -5.54 11.07 6.97
N LEU A 6 -4.78 10.15 6.42
CA LEU A 6 -4.16 10.30 5.13
C LEU A 6 -5.25 10.31 4.06
N THR A 7 -4.97 11.02 2.95
CA THR A 7 -5.85 11.01 1.79
C THR A 7 -5.10 10.53 0.55
N PHE A 8 -5.80 9.87 -0.37
CA PHE A 8 -5.16 9.36 -1.60
C PHE A 8 -6.12 9.62 -2.74
N ASP A 9 -5.67 10.41 -3.73
CA ASP A 9 -6.50 10.81 -4.86
C ASP A 9 -6.13 10.10 -6.15
N GLY A 10 -5.29 9.08 -6.10
CA GLY A 10 -4.82 8.34 -7.25
C GLY A 10 -3.39 8.69 -7.66
N GLN A 11 -2.92 9.91 -7.37
CA GLN A 11 -1.55 10.32 -7.70
C GLN A 11 -0.74 10.80 -6.49
N LYS A 12 -1.42 11.30 -5.47
CA LYS A 12 -0.79 11.92 -4.30
C LYS A 12 -1.37 11.33 -3.02
N LEU A 13 -0.48 10.94 -2.11
CA LEU A 13 -0.87 10.54 -0.76
C LEU A 13 -0.49 11.67 0.22
N THR A 14 -1.48 12.27 0.87
CA THR A 14 -1.27 13.46 1.70
C THR A 14 -1.34 13.07 3.17
N TRP A 15 -0.33 13.52 3.94
CA TRP A 15 -0.32 13.47 5.40
C TRP A 15 -0.62 14.86 5.90
N PRO A 16 -1.84 15.14 6.37
CA PRO A 16 -2.24 16.54 6.61
C PRO A 16 -1.32 17.23 7.61
N GLY A 17 -0.86 18.43 7.22
CA GLY A 17 0.09 19.13 8.06
C GLY A 17 1.55 18.73 7.91
N ILE A 18 1.87 17.73 7.09
CA ILE A 18 3.25 17.27 6.96
C ILE A 18 3.75 17.31 5.52
N GLY A 19 3.05 16.67 4.61
CA GLY A 19 3.57 16.68 3.25
C GLY A 19 2.78 15.82 2.31
N ILE A 20 3.15 15.91 1.03
CA ILE A 20 2.52 15.19 -0.07
C ILE A 20 3.54 14.23 -0.67
N PHE A 21 3.14 12.99 -0.90
CA PHE A 21 3.99 11.91 -1.39
C PHE A 21 3.45 11.34 -2.70
N LYS A 22 4.36 11.08 -3.65
CA LYS A 22 3.95 10.48 -4.91
C LYS A 22 3.47 9.07 -4.63
N ALA A 23 2.40 8.63 -5.30
CA ALA A 23 1.82 7.31 -5.09
C ALA A 23 1.07 6.87 -6.34
N THR A 24 0.87 5.54 -6.43
CA THR A 24 0.34 4.88 -7.62
C THR A 24 -0.45 3.64 -7.21
N THR A 25 -1.53 3.35 -7.96
CA THR A 25 -2.31 2.14 -7.69
C THR A 25 -2.78 1.47 -8.98
N GLY A 26 -2.68 0.14 -9.03
CA GLY A 26 -3.11 -0.67 -10.16
C GLY A 26 -1.99 -1.13 -11.09
N LEU A 27 -2.29 -2.21 -11.85
CA LEU A 27 -1.39 -2.64 -12.92
C LEU A 27 -1.49 -1.69 -14.11
N PRO A 28 -0.50 -1.72 -15.03
CA PRO A 28 -0.33 -0.61 -15.99
C PRO A 28 -1.58 -0.23 -16.73
N ASP A 29 -2.35 -1.18 -17.22
CA ASP A 29 -3.55 -0.85 -18.02
C ASP A 29 -4.81 -0.66 -17.17
N LEU A 30 -4.71 -0.79 -15.86
CA LEU A 30 -5.84 -0.78 -14.93
C LEU A 30 -5.72 0.36 -13.94
N GLN A 31 -4.91 1.38 -14.24
CA GLN A 31 -4.72 2.54 -13.36
C GLN A 31 -5.77 3.63 -13.64
N TRP A 32 -7.04 3.26 -13.41
CA TRP A 32 -8.14 4.14 -13.78
C TRP A 32 -9.25 3.98 -12.76
N PRO A 33 -9.94 5.05 -12.37
CA PRO A 33 -11.04 4.93 -11.40
C PRO A 33 -12.20 4.08 -11.88
N ASP A 34 -12.44 3.97 -13.20
CA ASP A 34 -13.51 3.11 -13.68
C ASP A 34 -13.15 1.61 -13.74
N LYS A 35 -11.95 1.22 -13.33
CA LYS A 35 -11.54 -0.18 -13.27
C LYS A 35 -11.43 -0.74 -11.85
N GLN A 36 -11.98 -0.03 -10.85
CA GLN A 36 -11.60 -0.36 -9.48
C GLN A 36 -12.24 -1.65 -9.00
N CYS A 37 -13.10 -2.28 -9.81
CA CYS A 37 -13.65 -3.58 -9.44
C CYS A 37 -12.98 -4.75 -10.15
N VAL A 38 -11.97 -4.46 -10.96
CA VAL A 38 -11.17 -5.48 -11.64
C VAL A 38 -10.06 -5.90 -10.68
N PRO A 39 -9.80 -7.20 -10.55
CA PRO A 39 -8.66 -7.65 -9.74
C PRO A 39 -7.37 -6.99 -10.19
N ASP A 40 -6.56 -6.60 -9.20
CA ASP A 40 -5.24 -5.98 -9.37
C ASP A 40 -5.31 -4.57 -9.98
N ALA A 41 -6.50 -3.99 -10.06
CA ALA A 41 -6.67 -2.62 -10.58
C ALA A 41 -6.51 -1.58 -9.46
N ALA A 42 -6.77 -0.30 -9.76
CA ALA A 42 -6.79 0.73 -8.74
C ALA A 42 -7.66 0.32 -7.52
N ILE A 43 -7.18 0.61 -6.32
CA ILE A 43 -7.89 0.17 -5.09
C ILE A 43 -9.27 0.80 -5.00
N PRO A 44 -10.29 0.08 -4.53
CA PRO A 44 -11.62 0.70 -4.40
C PRO A 44 -11.63 1.92 -3.46
N GLU A 45 -12.44 2.91 -3.83
CA GLU A 45 -12.62 4.10 -3.00
C GLU A 45 -13.23 3.76 -1.66
N GLY A 46 -12.88 4.56 -0.62
CA GLY A 46 -13.45 4.35 0.70
C GLY A 46 -12.40 4.55 1.79
N ASN A 47 -12.71 4.02 2.98
CA ASN A 47 -11.94 4.24 4.21
C ASN A 47 -11.26 2.95 4.62
N TYR A 48 -9.96 3.06 4.90
CA TYR A 48 -9.10 1.95 5.31
C TYR A 48 -8.28 2.29 6.57
N LYS A 49 -8.11 1.31 7.45
CA LYS A 49 -7.18 1.42 8.57
C LYS A 49 -5.76 0.97 8.16
N LEU A 50 -4.74 1.72 8.58
CA LEU A 50 -3.35 1.26 8.45
C LEU A 50 -2.88 0.56 9.72
N PHE A 51 -2.12 -0.54 9.56
CA PHE A 51 -1.48 -1.20 10.70
C PHE A 51 -0.01 -0.82 10.70
N ILE A 52 0.38 0.20 11.49
CA ILE A 52 1.73 0.73 11.41
C ILE A 52 2.71 0.11 12.41
N GLN A 53 2.23 -0.75 13.32
CA GLN A 53 3.12 -1.38 14.29
C GLN A 53 4.17 -2.19 13.55
N PHE A 54 5.44 -1.93 13.85
CA PHE A 54 6.55 -2.56 13.15
C PHE A 54 6.77 -3.96 13.70
N GLN A 55 6.67 -4.95 12.81
CA GLN A 55 6.68 -6.35 13.21
C GLN A 55 7.79 -7.14 12.54
N GLY A 56 8.75 -6.47 11.92
CA GLY A 56 9.90 -7.18 11.40
C GLY A 56 9.62 -7.86 10.08
N GLU A 57 10.31 -8.98 9.84
CA GLU A 57 10.25 -9.60 8.51
C GLU A 57 8.88 -10.22 8.25
N ALA A 58 8.40 -10.07 7.01
CA ALA A 58 7.14 -10.66 6.62
C ALA A 58 7.28 -12.18 6.54
N PRO A 59 6.21 -12.93 6.83
CA PRO A 59 6.29 -14.39 6.77
C PRO A 59 6.32 -14.90 5.35
N ILE A 60 7.10 -15.96 5.13
CA ILE A 60 7.22 -16.64 3.84
C ILE A 60 6.30 -17.85 3.85
N ARG A 61 5.32 -17.85 2.94
CA ARG A 61 4.33 -18.92 2.88
C ARG A 61 4.80 -20.11 2.04
N ASN A 62 5.30 -19.85 0.83
CA ASN A 62 5.86 -20.89 -0.02
C ASN A 62 7.10 -20.32 -0.69
N ALA A 63 8.27 -20.87 -0.35
CA ALA A 63 9.52 -20.30 -0.88
C ALA A 63 9.70 -20.62 -2.35
N ALA A 64 9.14 -21.73 -2.82
CA ALA A 64 9.35 -22.13 -4.21
C ALA A 64 8.60 -21.22 -5.16
N ASP A 65 7.38 -20.84 -4.80
CA ASP A 65 6.56 -19.98 -5.63
C ASP A 65 6.70 -18.51 -5.27
N CYS A 66 7.55 -18.18 -4.29
CA CYS A 66 7.81 -16.80 -3.89
C CYS A 66 6.59 -16.17 -3.21
N ASP A 67 5.89 -16.96 -2.40
CA ASP A 67 4.63 -16.54 -1.81
C ASP A 67 4.86 -16.02 -0.40
N LEU A 68 4.42 -14.79 -0.14
CA LEU A 68 4.46 -14.20 1.19
C LEU A 68 3.10 -14.37 1.87
N GLY A 69 3.11 -14.66 3.17
CA GLY A 69 1.90 -14.75 3.93
C GLY A 69 1.37 -13.38 4.33
N PRO A 70 0.09 -13.27 4.65
CA PRO A 70 -0.44 -11.98 5.12
C PRO A 70 0.01 -11.67 6.53
N SER A 71 0.11 -10.38 6.85
CA SER A 71 0.37 -10.01 8.23
C SER A 71 -0.17 -8.61 8.50
N TRP A 72 -0.73 -8.41 9.70
CA TRP A 72 -1.40 -7.15 10.04
C TRP A 72 -0.46 -6.23 10.82
N GLY A 73 0.42 -5.58 10.08
CA GLY A 73 1.37 -4.66 10.65
C GLY A 73 2.24 -4.08 9.55
N TRP A 74 3.34 -3.45 9.99
CA TRP A 74 4.38 -2.93 9.11
C TRP A 74 5.49 -3.96 9.12
N SER A 75 5.70 -4.59 7.97
CA SER A 75 6.73 -5.63 7.85
C SER A 75 7.70 -5.32 6.70
N THR A 76 8.82 -6.04 6.70
CA THR A 76 9.86 -5.89 5.69
C THR A 76 9.87 -7.07 4.72
N ILE A 77 10.37 -6.82 3.53
CA ILE A 77 10.42 -7.81 2.46
C ILE A 77 11.81 -8.45 2.49
N PRO A 78 11.91 -9.78 2.45
CA PRO A 78 13.24 -10.45 2.54
C PRO A 78 13.99 -10.50 1.20
N ARG A 79 14.38 -9.32 0.72
CA ARG A 79 15.04 -9.20 -0.58
C ARG A 79 16.43 -9.84 -0.58
N GLY A 80 17.12 -9.84 0.56
CA GLY A 80 18.50 -10.33 0.57
C GLY A 80 18.65 -11.80 0.24
N GLN A 81 17.64 -12.61 0.55
CA GLN A 81 17.70 -14.04 0.27
C GLN A 81 16.96 -14.45 -1.01
N ALA A 82 16.41 -13.50 -1.75
CA ALA A 82 15.68 -13.85 -2.94
C ALA A 82 16.62 -14.43 -4.00
N ALA A 83 16.14 -15.46 -4.71
CA ALA A 83 16.90 -16.10 -5.76
C ALA A 83 15.96 -16.53 -6.88
N GLY A 84 16.51 -16.53 -8.10
CA GLY A 84 15.74 -17.00 -9.24
C GLY A 84 14.53 -16.12 -9.51
N THR A 85 13.37 -16.76 -9.65
CA THR A 85 12.15 -16.01 -9.96
C THR A 85 11.75 -15.05 -8.83
N CYS A 86 12.13 -15.33 -7.57
CA CYS A 86 11.72 -14.46 -6.47
C CYS A 86 12.40 -13.10 -6.52
N GLU A 87 13.59 -13.00 -7.14
CA GLU A 87 14.18 -11.69 -7.42
C GLU A 87 13.25 -10.83 -8.29
N ILE A 88 12.52 -11.45 -9.21
CA ILE A 88 11.53 -10.70 -9.99
C ILE A 88 10.30 -10.37 -9.13
N TYR A 89 9.68 -11.37 -8.53
CA TYR A 89 8.38 -11.13 -7.89
C TYR A 89 8.50 -10.21 -6.68
N TRP A 90 9.52 -10.38 -5.85
CA TRP A 90 9.61 -9.56 -4.65
C TRP A 90 10.11 -8.14 -4.93
N ALA A 91 10.62 -7.86 -6.13
CA ALA A 91 10.89 -6.48 -6.49
C ALA A 91 9.59 -5.69 -6.67
N ASN A 92 8.47 -6.39 -6.90
CA ASN A 92 7.16 -5.72 -6.96
C ASN A 92 6.58 -5.39 -5.58
N TRP A 93 7.04 -6.07 -4.53
CA TRP A 93 6.74 -5.65 -3.17
C TRP A 93 7.56 -4.45 -2.74
N GLY A 94 8.89 -4.50 -2.95
CA GLY A 94 9.80 -3.46 -2.51
C GLY A 94 10.58 -3.89 -1.28
N TYR A 95 10.65 -3.01 -0.25
CA TYR A 95 11.38 -3.31 0.97
C TYR A 95 10.52 -3.24 2.23
N ASN A 96 9.41 -2.48 2.18
CA ASN A 96 8.51 -2.28 3.31
C ASN A 96 7.07 -2.37 2.83
N ARG A 97 6.20 -2.87 3.70
CA ARG A 97 4.76 -2.90 3.45
C ARG A 97 3.97 -2.68 4.74
N ILE A 98 2.82 -2.02 4.61
CA ILE A 98 1.90 -1.73 5.72
C ILE A 98 0.50 -2.25 5.34
N ARG A 99 -0.04 -3.14 6.14
CA ARG A 99 -1.34 -3.72 5.86
C ARG A 99 -2.41 -2.64 5.95
N LEU A 100 -3.40 -2.74 5.05
CA LEU A 100 -4.64 -1.99 5.10
C LEU A 100 -5.84 -2.91 5.35
N GLU A 101 -6.89 -2.39 6.00
CA GLU A 101 -8.16 -3.12 6.18
C GLU A 101 -9.34 -2.17 5.97
N SER A 102 -10.34 -2.62 5.19
CA SER A 102 -11.54 -1.80 5.03
C SER A 102 -12.13 -1.45 6.39
N ALA A 103 -12.51 -0.17 6.56
CA ALA A 103 -12.92 0.33 7.88
C ALA A 103 -14.38 0.74 7.97
N ASP A 104 -15.19 0.46 6.93
CA ASP A 104 -16.63 0.51 7.07
C ASP A 104 -17.31 -0.44 6.06
N GLU A 105 -18.62 -0.64 6.24
CA GLU A 105 -19.31 -1.62 5.42
C GLU A 105 -19.36 -1.18 3.94
N LYS A 106 -19.55 0.11 3.68
CA LYS A 106 -19.65 0.56 2.30
C LYS A 106 -18.36 0.26 1.53
N THR A 107 -17.21 0.57 2.12
CA THR A 107 -15.92 0.20 1.53
C THR A 107 -15.77 -1.32 1.38
N ARG A 108 -16.15 -2.09 2.41
CA ARG A 108 -15.94 -3.53 2.39
C ARG A 108 -16.85 -4.24 1.38
N LYS A 109 -18.09 -3.78 1.24
CA LYS A 109 -19.02 -4.35 0.27
C LYS A 109 -18.74 -3.91 -1.17
N ALA A 110 -17.82 -2.99 -1.40
CA ALA A 110 -17.53 -2.55 -2.75
C ALA A 110 -17.17 -3.74 -3.63
N CYS A 111 -17.59 -3.68 -4.90
CA CYS A 111 -17.20 -4.66 -5.89
C CYS A 111 -17.60 -6.08 -5.50
N GLY A 112 -18.79 -6.20 -4.90
CA GLY A 112 -19.29 -7.50 -4.45
C GLY A 112 -18.41 -8.10 -3.36
N GLY A 113 -17.50 -7.30 -2.81
CA GLY A 113 -16.55 -7.76 -1.81
C GLY A 113 -15.49 -8.71 -2.33
N LYS A 114 -15.25 -8.73 -3.65
CA LYS A 114 -14.36 -9.70 -4.25
C LYS A 114 -12.89 -9.28 -4.19
N ARG A 115 -12.58 -8.05 -3.81
CA ARG A 115 -11.22 -7.57 -3.76
C ARG A 115 -10.73 -7.42 -2.33
N GLY A 116 -9.42 -7.50 -2.14
CA GLY A 116 -8.89 -7.48 -0.78
C GLY A 116 -7.39 -7.67 -0.77
N GLY A 117 -6.84 -7.86 0.42
CA GLY A 117 -5.40 -8.00 0.53
C GLY A 117 -4.63 -6.73 0.27
N PHE A 118 -5.10 -5.56 0.76
CA PHE A 118 -4.51 -4.29 0.36
C PHE A 118 -3.35 -3.91 1.30
N TYR A 119 -2.34 -3.22 0.74
CA TYR A 119 -1.17 -2.73 1.46
C TYR A 119 -0.73 -1.38 0.88
N ILE A 120 0.04 -0.60 1.66
CA ILE A 120 0.92 0.46 1.17
C ILE A 120 2.35 -0.09 1.14
N HIS A 121 3.07 0.10 0.03
CA HIS A 121 4.39 -0.53 -0.10
C HIS A 121 5.30 0.39 -0.92
N ASP A 122 6.63 0.14 -0.87
CA ASP A 122 7.59 1.11 -1.40
C ASP A 122 8.47 0.57 -2.54
N SER A 123 7.92 -0.31 -3.37
CA SER A 123 8.56 -0.60 -4.65
C SER A 123 8.63 0.69 -5.46
N THR A 124 9.45 0.65 -6.52
CA THR A 124 9.69 1.80 -7.39
C THR A 124 9.46 1.42 -8.86
N LYS A 125 8.32 0.77 -9.12
CA LYS A 125 7.98 0.21 -10.44
C LYS A 125 7.05 1.09 -11.29
N GLY A 126 6.27 1.95 -10.65
CA GLY A 126 5.26 2.68 -11.40
C GLY A 126 3.95 1.94 -11.61
N TYR A 127 3.74 0.85 -10.88
CA TYR A 127 2.48 0.09 -10.85
C TYR A 127 2.40 -0.64 -9.50
N SER A 128 1.22 -1.26 -9.26
CA SER A 128 1.02 -1.98 -8.00
C SER A 128 -0.10 -2.99 -8.22
N HIS A 129 0.12 -4.23 -7.76
CA HIS A 129 -0.85 -5.32 -7.93
C HIS A 129 -2.01 -5.15 -6.94
N GLY A 130 -2.83 -4.14 -7.20
CA GLY A 130 -4.04 -3.93 -6.41
C GLY A 130 -3.73 -3.36 -5.03
N CME A 131 -2.67 -2.54 -4.92
CA CME A 131 -2.28 -1.92 -3.65
CB CME A 131 -1.16 -2.69 -2.95
SG CME A 131 -1.58 -4.39 -2.54
SD CME A 131 0.29 -5.22 -2.13
CE CME A 131 0.86 -5.67 -3.73
CZ CME A 131 2.39 -5.85 -3.86
OH CME A 131 2.70 -6.37 -5.18
C CME A 131 -1.85 -0.48 -3.94
O CME A 131 -2.18 0.06 -5.01
HA CME A 131 -3.15 -1.85 -2.94
HB2 CME A 131 -0.90 -2.15 -2.01
HB3 CME A 131 -0.26 -2.69 -3.61
HE2 CME A 131 0.47 -4.85 -4.40
HE3 CME A 131 0.30 -6.61 -3.98
HZ2 CME A 131 2.76 -6.57 -3.10
HZ3 CME A 131 2.90 -4.87 -3.73
HH CME A 131 2.37 -5.70 -5.81
N ILE A 132 -1.27 0.19 -2.93
CA ILE A 132 -0.75 1.56 -3.13
C ILE A 132 0.79 1.59 -3.06
N GLU A 133 1.42 1.86 -4.20
CA GLU A 133 2.87 2.07 -4.21
C GLU A 133 3.17 3.53 -3.88
N VAL A 134 4.00 3.77 -2.85
CA VAL A 134 4.32 5.12 -2.38
C VAL A 134 5.82 5.41 -2.46
N GLU A 135 6.12 6.69 -2.65
CA GLU A 135 7.50 7.18 -2.58
C GLU A 135 8.18 6.64 -1.32
N PRO A 136 9.40 6.09 -1.42
CA PRO A 136 10.01 5.46 -0.22
C PRO A 136 10.23 6.41 0.95
N VAL A 137 10.46 7.71 0.70
CA VAL A 137 10.64 8.65 1.80
C VAL A 137 9.44 8.67 2.79
N PHE A 138 8.26 8.27 2.35
CA PHE A 138 7.11 8.20 3.25
C PHE A 138 7.41 7.37 4.49
N PHE A 139 8.07 6.21 4.31
CA PHE A 139 8.32 5.33 5.43
C PHE A 139 9.36 5.92 6.38
N ARG A 140 10.28 6.77 5.89
CA ARG A 140 11.25 7.40 6.76
C ARG A 140 10.59 8.55 7.55
N ILE A 141 9.67 9.28 6.90
CA ILE A 141 8.90 10.28 7.64
C ILE A 141 8.07 9.60 8.71
N LEU A 142 7.43 8.47 8.35
CA LEU A 142 6.59 7.75 9.31
C LEU A 142 7.38 7.33 10.54
N LYS A 143 8.58 6.77 10.33
CA LYS A 143 9.42 6.39 11.45
C LYS A 143 9.75 7.58 12.34
N GLN A 144 10.20 8.69 11.74
CA GLN A 144 10.62 9.85 12.51
C GLN A 144 9.47 10.44 13.32
N GLU A 145 8.27 10.45 12.75
CA GLU A 145 7.16 11.10 13.43
C GLU A 145 6.60 10.23 14.55
N THR A 146 6.69 8.90 14.43
CA THR A 146 6.05 8.02 15.41
C THR A 146 6.96 7.55 16.54
N GLU A 147 8.28 7.45 16.31
CA GLU A 147 9.19 6.86 17.30
CA GLU A 147 9.15 6.84 17.31
C GLU A 147 9.41 7.75 18.52
N LYS A 148 9.10 9.03 18.41
CA LYS A 148 9.23 9.92 19.56
C LYS A 148 7.92 10.09 20.33
N GLU A 149 6.82 9.54 19.83
CA GLU A 149 5.52 9.68 20.47
C GLU A 149 5.23 8.46 21.34
N ASN A 150 4.69 8.71 22.53
CA ASN A 150 4.48 7.65 23.51
C ASN A 150 3.07 7.10 23.50
N GLY A 151 2.08 7.88 23.09
CA GLY A 151 0.69 7.52 23.26
C GLY A 151 0.15 6.69 22.12
N GLU A 152 -1.15 6.81 21.89
CA GLU A 152 -1.80 6.02 20.85
C GLU A 152 -1.44 6.57 19.48
N LYS A 153 -1.30 5.66 18.52
CA LYS A 153 -0.89 6.00 17.16
C LYS A 153 -1.95 5.41 16.22
N THR A 154 -2.85 6.25 15.71
CA THR A 154 -3.99 5.82 14.91
C THR A 154 -3.92 6.45 13.51
N PHE A 155 -3.74 5.63 12.49
CA PHE A 155 -3.64 6.07 11.11
C PHE A 155 -4.73 5.42 10.28
N THR A 156 -5.41 6.23 9.45
CA THR A 156 -6.33 5.75 8.41
C THR A 156 -5.95 6.38 7.07
N VAL A 157 -6.55 5.85 5.98
CA VAL A 157 -6.47 6.55 4.69
C VAL A 157 -7.82 6.58 3.99
N ASN A 158 -8.23 7.74 3.45
CA ASN A 158 -9.44 7.82 2.63
C ASN A 158 -9.00 7.87 1.17
N VAL A 159 -9.53 6.93 0.37
CA VAL A 159 -9.32 6.85 -1.09
C VAL A 159 -10.49 7.48 -1.82
N LYS A 160 -10.23 8.52 -2.61
CA LYS A 160 -11.30 9.22 -3.32
C LYS A 160 -10.74 9.78 -4.61
N TYR A 161 -11.17 9.28 -5.76
CA TYR A 161 -10.74 9.75 -7.07
C TYR A 161 -11.73 10.80 -7.55
N VAL A 162 -11.25 12.00 -7.85
CA VAL A 162 -12.12 13.13 -8.16
C VAL A 162 -12.08 13.47 -9.65
N SER A 163 -11.35 12.69 -10.45
CA SER A 163 -11.38 12.87 -11.89
C SER A 163 -11.04 11.52 -12.50
N GLY A 164 -11.14 11.47 -13.83
CA GLY A 164 -10.73 10.31 -14.61
C GLY A 164 -9.25 10.15 -14.89
N GLN A 165 -8.40 10.94 -14.23
CA GLN A 165 -6.97 10.89 -14.49
C GLN A 165 -6.40 9.52 -14.12
N GLN A 166 -5.34 9.15 -14.81
CA GLN A 166 -4.64 7.89 -14.54
C GLN A 166 -4.13 7.92 -13.12
N THR A 167 -4.33 6.81 -12.40
CA THR A 167 -3.94 6.69 -10.98
C THR A 167 -2.46 6.29 -10.87
N ASN A 168 -1.60 7.15 -11.42
CA ASN A 168 -0.14 6.96 -11.47
C ASN A 168 0.51 8.27 -11.06
N GLY A 169 1.23 8.27 -9.94
CA GLY A 169 1.84 9.44 -9.38
C GLY A 169 3.30 9.65 -9.73
N GLY A 170 3.83 8.88 -10.68
CA GLY A 170 5.23 9.05 -11.08
C GLY A 170 6.21 8.36 -10.14
N THR A 171 5.82 7.22 -9.56
CA THR A 171 6.70 6.49 -8.64
C THR A 171 7.73 5.60 -9.36
N LYS A 172 7.65 5.38 -10.67
CA LYS A 172 8.68 4.61 -11.35
C LYS A 172 10.04 5.26 -11.13
N GLN A 173 11.04 4.45 -10.83
CA GLN A 173 12.38 4.95 -10.57
C GLN A 173 12.87 5.83 -11.71
N GLY A 174 13.35 7.02 -11.36
CA GLY A 174 13.85 7.96 -12.34
C GLY A 174 15.11 7.47 -13.04
N HIS B 2 -5.95 -13.55 -0.84
CA HIS B 2 -5.78 -12.61 -1.96
C HIS B 2 -4.31 -12.54 -2.34
N HIS B 3 -4.00 -12.97 -3.56
CA HIS B 3 -2.63 -13.03 -4.03
C HIS B 3 -2.25 -11.72 -4.72
N HIS B 4 -0.93 -11.57 -4.95
CA HIS B 4 -0.40 -10.42 -5.68
C HIS B 4 0.55 -10.84 -6.79
N HIS B 5 0.50 -12.10 -7.19
CA HIS B 5 1.18 -12.59 -8.38
C HIS B 5 0.66 -13.99 -8.73
N DAL C . -4.52 -8.39 -5.50
CA DAL C . -5.93 -8.77 -5.34
CB DAL C . -6.26 -9.96 -6.22
C DAL C . -6.84 -7.61 -5.71
O DAL C . -6.38 -6.64 -6.34
OXT DAL C . -8.03 -7.63 -5.35
H2 DAL C . -4.18 -7.62 -5.03
H DAL C . -4.11 -8.86 -6.08
HA DAL C . -6.08 -9.01 -4.41
HB1 DAL C . -7.20 -10.20 -6.11
HB2 DAL C . -5.70 -10.71 -5.96
HB3 DAL C . -6.10 -9.73 -7.15
N DAL D . 12.13 8.65 -1.76
CA DAL D . 13.56 8.58 -2.10
CB DAL D . 14.10 7.18 -1.80
C DAL D . 14.38 9.62 -1.35
O DAL D . 15.55 9.42 -1.03
OXT DAL D . 13.89 10.71 -1.02
H2 DAL D . 11.70 9.51 -1.76
H DAL D . 11.61 8.67 -2.45
HA DAL D . 13.65 8.75 -3.05
HB1 DAL D . 13.98 6.98 -0.86
HB2 DAL D . 15.05 7.17 -2.01
HB3 DAL D . 13.63 6.54 -2.34
S SO4 E . -11.71 14.91 1.90
O1 SO4 E . -10.50 14.16 2.19
O2 SO4 E . -12.84 14.00 1.69
O3 SO4 E . -11.48 15.69 0.69
O4 SO4 E . -12.02 15.78 3.05
S SO4 F . -6.13 -11.94 2.89
O1 SO4 F . -4.77 -11.47 3.07
O2 SO4 F . -6.26 -12.56 1.57
O3 SO4 F . -7.06 -10.82 2.99
O4 SO4 F . -6.46 -12.91 3.94
S SO4 G . 1.61 10.30 16.02
O1 SO4 G . 0.82 9.74 14.93
O2 SO4 G . 2.60 9.31 16.43
O3 SO4 G . 2.29 11.50 15.54
O4 SO4 G . 0.74 10.63 17.16
S SO4 H . 1.74 -12.86 -2.63
O1 SO4 H . 1.29 -14.25 -2.60
O2 SO4 H . 3.18 -12.78 -2.32
O3 SO4 H . 0.97 -12.08 -1.65
O4 SO4 H . 1.52 -12.33 -3.98
#